data_1KQ3
#
_entry.id   1KQ3
#
_cell.length_a   105.730
_cell.length_b   105.730
_cell.length_c   135.790
_cell.angle_alpha   90.00
_cell.angle_beta   90.00
_cell.angle_gamma   90.00
#
_symmetry.space_group_name_H-M   'I 4 2 2'
#
loop_
_entity.id
_entity.type
_entity.pdbx_description
1 polymer 'glycerol dehydrogenase'
2 non-polymer 'ZINC ION'
3 non-polymer 'CHLORIDE ION'
4 non-polymer 2-AMINO-2-HYDROXYMETHYL-PROPANE-1,3-DIOL
5 water water
#
_entity_poly.entity_id   1
_entity_poly.type   'polypeptide(L)'
_entity_poly.pdbx_seq_one_letter_code
;MGSDKIHHHHHHMITTTIFPGRYVQGAGAINILEEELSRFGERAFVVIDDFVDKNVLGENFFSSFTKVRVNKQIFGGECS
DEEIERLSGLVEEETDVVVGIGGGKTLDTAKAVAYKLKKPVVIVPTIASTDAPCSALSVIYTPNGEFKRYLFLPRNPDVV
LVDTEIVAKAPARFLVAGMGDALATWFEAESCKQKYAPNMTGRLGSMTAYALARLCYETLLEYGVLAKRSVEEKSVTPAL
EKIVEANTLLSGLGFESGGLAAAHAIHNGLTVLENTHKYLHGEKVAIGVLASLFLTDKPRKMIEEVYSFCEEVGLPTTLA
EIGLDGVSDEDLMKVAEKACDKNETIHNEPQPVTSKDVFFALKAADRYGRMRKNLT
;
_entity_poly.pdbx_strand_id   A
#
loop_
_chem_comp.id
_chem_comp.type
_chem_comp.name
_chem_comp.formula
CL non-polymer 'CHLORIDE ION' 'Cl -1'
TRS non-polymer 2-AMINO-2-HYDROXYMETHYL-PROPANE-1,3-DIOL 'C4 H12 N O3 1'
ZN non-polymer 'ZINC ION' 'Zn 2'
#
# COMPACT_ATOMS: atom_id res chain seq x y z
N HIS A 12 16.43 22.35 -9.39
CA HIS A 12 15.42 23.46 -9.37
C HIS A 12 14.29 23.24 -10.36
N MET A 13 13.11 22.95 -9.81
CA MET A 13 11.89 22.72 -10.59
C MET A 13 11.95 21.59 -11.61
N ILE A 14 12.85 20.64 -11.40
CA ILE A 14 12.92 19.49 -12.30
C ILE A 14 12.03 18.41 -11.66
N THR A 15 11.24 17.75 -12.49
CA THR A 15 10.37 16.70 -11.99
C THR A 15 10.96 15.35 -12.30
N THR A 16 10.54 14.34 -11.55
CA THR A 16 10.92 12.96 -11.87
C THR A 16 9.77 12.06 -11.45
N THR A 17 9.32 11.22 -12.37
CA THR A 17 8.23 10.26 -12.19
C THR A 17 8.80 8.90 -12.52
N ILE A 18 8.56 7.90 -11.66
CA ILE A 18 9.07 6.55 -11.86
C ILE A 18 7.94 5.56 -11.99
N PHE A 19 8.20 4.48 -12.72
CA PHE A 19 7.15 3.52 -13.01
C PHE A 19 7.60 2.07 -13.07
N PRO A 20 6.69 1.13 -12.77
CA PRO A 20 7.07 -0.28 -12.92
C PRO A 20 7.13 -0.46 -14.47
N GLY A 21 7.79 -1.50 -14.97
CA GLY A 21 7.90 -1.61 -16.41
C GLY A 21 6.63 -1.99 -17.15
N ARG A 22 5.85 -2.87 -16.52
CA ARG A 22 4.67 -3.45 -17.13
C ARG A 22 3.69 -3.71 -16.01
N TYR A 23 2.43 -3.27 -16.17
CA TYR A 23 1.37 -3.51 -15.17
C TYR A 23 0.31 -4.33 -15.92
N VAL A 24 0.05 -5.53 -15.43
CA VAL A 24 -0.87 -6.48 -16.09
C VAL A 24 -1.97 -6.78 -15.10
N GLN A 25 -3.23 -6.65 -15.52
CA GLN A 25 -4.33 -6.88 -14.58
C GLN A 25 -5.57 -7.45 -15.23
N GLY A 26 -6.19 -8.42 -14.56
CA GLY A 26 -7.45 -8.94 -15.03
C GLY A 26 -7.81 -10.25 -14.39
N ALA A 27 -9.06 -10.66 -14.58
CA ALA A 27 -9.52 -11.93 -14.00
C ALA A 27 -8.80 -13.07 -14.71
N GLY A 28 -8.14 -13.92 -13.94
CA GLY A 28 -7.42 -15.03 -14.55
C GLY A 28 -6.03 -14.69 -15.00
N ALA A 29 -5.52 -13.51 -14.64
CA ALA A 29 -4.19 -13.13 -15.07
C ALA A 29 -3.08 -14.07 -14.59
N ILE A 30 -3.31 -14.83 -13.53
CA ILE A 30 -2.28 -15.74 -13.07
C ILE A 30 -1.97 -16.75 -14.18
N ASN A 31 -2.92 -16.97 -15.08
CA ASN A 31 -2.68 -17.93 -16.17
C ASN A 31 -1.78 -17.42 -17.27
N ILE A 32 -1.40 -16.15 -17.20
CA ILE A 32 -0.42 -15.68 -18.19
C ILE A 32 0.89 -15.36 -17.46
N LEU A 33 1.03 -15.78 -16.20
CA LEU A 33 2.28 -15.57 -15.47
C LEU A 33 3.45 -16.26 -16.21
N GLU A 34 3.26 -17.51 -16.66
CA GLU A 34 4.36 -18.17 -17.38
C GLU A 34 4.79 -17.37 -18.61
N GLU A 35 3.82 -16.88 -19.37
CA GLU A 35 4.14 -16.08 -20.54
C GLU A 35 4.97 -14.85 -20.13
N GLU A 36 4.57 -14.18 -19.04
CA GLU A 36 5.34 -13.01 -18.61
C GLU A 36 6.76 -13.34 -18.17
N LEU A 37 6.92 -14.44 -17.46
CA LEU A 37 8.25 -14.82 -17.00
C LEU A 37 9.13 -15.20 -18.19
N SER A 38 8.53 -15.86 -19.20
CA SER A 38 9.31 -16.30 -20.37
C SER A 38 9.93 -15.12 -21.12
N ARG A 39 9.37 -13.92 -20.96
CA ARG A 39 9.95 -12.76 -21.63
C ARG A 39 11.32 -12.43 -21.03
N PHE A 40 11.62 -12.98 -19.86
CA PHE A 40 12.93 -12.74 -19.23
C PHE A 40 13.92 -13.88 -19.43
N GLY A 41 13.41 -15.06 -19.69
CA GLY A 41 14.31 -16.19 -19.85
C GLY A 41 13.62 -17.49 -19.50
N GLU A 42 14.40 -18.54 -19.25
CA GLU A 42 13.84 -19.85 -18.97
C GLU A 42 13.92 -20.33 -17.53
N ARG A 43 14.54 -19.55 -16.65
CA ARG A 43 14.68 -19.92 -15.26
C ARG A 43 14.17 -18.84 -14.31
N ALA A 44 13.20 -19.20 -13.48
CA ALA A 44 12.62 -18.26 -12.51
C ALA A 44 12.72 -18.78 -11.10
N PHE A 45 13.02 -17.89 -10.15
CA PHE A 45 13.10 -18.20 -8.72
C PHE A 45 11.85 -17.57 -8.11
N VAL A 46 11.00 -18.38 -7.50
CA VAL A 46 9.75 -17.90 -6.96
C VAL A 46 9.65 -17.93 -5.45
N VAL A 47 9.37 -16.77 -4.84
CA VAL A 47 9.21 -16.66 -3.42
C VAL A 47 7.70 -16.60 -3.21
N ILE A 48 7.13 -17.58 -2.51
CA ILE A 48 5.69 -17.61 -2.35
C ILE A 48 5.26 -17.82 -0.92
N ASP A 49 4.16 -17.14 -0.56
CA ASP A 49 3.52 -17.21 0.73
C ASP A 49 2.97 -18.64 0.87
N ASP A 50 3.19 -19.27 2.02
CA ASP A 50 2.72 -20.64 2.21
C ASP A 50 1.22 -20.83 2.02
N PHE A 51 0.44 -19.89 2.56
CA PHE A 51 -1.00 -19.96 2.42
C PHE A 51 -1.36 -19.88 0.94
N VAL A 52 -0.66 -19.02 0.20
CA VAL A 52 -0.94 -18.88 -1.20
C VAL A 52 -0.59 -20.16 -1.98
N ASP A 53 0.56 -20.75 -1.66
CA ASP A 53 0.99 -21.97 -2.34
C ASP A 53 -0.05 -23.08 -2.18
N LYS A 54 -0.52 -23.27 -0.96
CA LYS A 54 -1.45 -24.35 -0.69
C LYS A 54 -2.92 -24.08 -0.95
N ASN A 55 -3.35 -22.83 -0.73
CA ASN A 55 -4.77 -22.51 -0.84
C ASN A 55 -5.24 -21.58 -1.93
N VAL A 56 -4.30 -20.89 -2.58
CA VAL A 56 -4.67 -19.98 -3.65
C VAL A 56 -4.21 -20.51 -4.99
N LEU A 57 -2.91 -20.81 -5.16
CA LEU A 57 -2.46 -21.36 -6.44
C LEU A 57 -2.61 -22.88 -6.49
N GLY A 58 -2.38 -23.51 -5.34
CA GLY A 58 -2.44 -24.97 -5.29
C GLY A 58 -0.99 -25.42 -5.33
N GLU A 59 -0.63 -26.42 -4.52
CA GLU A 59 0.75 -26.87 -4.44
C GLU A 59 1.39 -27.32 -5.73
N ASN A 60 0.59 -27.80 -6.66
CA ASN A 60 1.14 -28.26 -7.92
C ASN A 60 0.93 -27.32 -9.09
N PHE A 61 0.60 -26.06 -8.80
CA PHE A 61 0.37 -25.08 -9.85
C PHE A 61 1.51 -25.02 -10.88
N PHE A 62 2.75 -24.96 -10.42
CA PHE A 62 3.85 -24.82 -11.36
C PHE A 62 4.17 -26.05 -12.19
N SER A 63 3.53 -27.17 -11.87
CA SER A 63 3.77 -28.40 -12.64
C SER A 63 3.28 -28.26 -14.06
N SER A 64 2.40 -27.29 -14.31
CA SER A 64 1.88 -27.09 -15.66
C SER A 64 2.81 -26.27 -16.54
N PHE A 65 3.85 -25.67 -15.98
CA PHE A 65 4.79 -24.88 -16.79
C PHE A 65 5.63 -25.76 -17.73
N THR A 66 5.90 -25.26 -18.93
CA THR A 66 6.69 -26.00 -19.93
C THR A 66 7.80 -25.18 -20.55
N LYS A 67 7.69 -23.86 -20.44
CA LYS A 67 8.68 -22.98 -21.03
C LYS A 67 9.63 -22.32 -20.04
N VAL A 68 9.27 -22.37 -18.76
CA VAL A 68 10.07 -21.75 -17.71
C VAL A 68 10.26 -22.71 -16.54
N ARG A 69 11.51 -22.91 -16.14
CA ARG A 69 11.82 -23.79 -15.01
C ARG A 69 11.71 -22.99 -13.74
N VAL A 70 10.89 -23.45 -12.82
CA VAL A 70 10.71 -22.77 -11.54
C VAL A 70 11.38 -23.38 -10.31
N ASN A 71 12.10 -22.56 -9.57
CA ASN A 71 12.67 -22.98 -8.30
C ASN A 71 11.73 -22.29 -7.30
N LYS A 72 10.78 -23.06 -6.78
CA LYS A 72 9.81 -22.54 -5.82
C LYS A 72 10.28 -22.62 -4.36
N GLN A 73 10.27 -21.49 -3.67
CA GLN A 73 10.68 -21.43 -2.27
C GLN A 73 9.61 -20.79 -1.40
N ILE A 74 9.21 -21.48 -0.35
CA ILE A 74 8.22 -20.97 0.58
C ILE A 74 8.86 -19.87 1.42
N PHE A 75 8.16 -18.74 1.49
CA PHE A 75 8.59 -17.57 2.24
C PHE A 75 8.49 -17.85 3.74
N GLY A 76 9.52 -17.42 4.49
CA GLY A 76 9.54 -17.60 5.93
C GLY A 76 8.50 -16.80 6.70
N GLY A 77 7.97 -15.75 6.07
CA GLY A 77 6.93 -14.95 6.68
C GLY A 77 7.27 -13.51 7.04
N GLU A 78 8.55 -13.25 7.24
CA GLU A 78 8.98 -11.91 7.61
C GLU A 78 9.96 -11.38 6.58
N CYS A 79 9.79 -10.12 6.17
CA CYS A 79 10.71 -9.49 5.23
C CYS A 79 11.82 -8.91 6.13
N SER A 80 12.80 -9.75 6.40
CA SER A 80 13.94 -9.39 7.25
C SER A 80 15.22 -9.56 6.45
N ASP A 81 16.30 -8.91 6.90
CA ASP A 81 17.57 -9.08 6.23
C ASP A 81 17.99 -10.55 6.29
N GLU A 82 17.65 -11.20 7.39
CA GLU A 82 17.98 -12.62 7.57
C GLU A 82 17.27 -13.47 6.51
N GLU A 83 15.98 -13.21 6.26
CA GLU A 83 15.25 -14.00 5.27
C GLU A 83 15.68 -13.65 3.85
N ILE A 84 15.99 -12.37 3.61
CA ILE A 84 16.47 -11.97 2.31
C ILE A 84 17.79 -12.69 2.03
N GLU A 85 18.65 -12.80 3.05
CA GLU A 85 19.93 -13.48 2.87
C GLU A 85 19.72 -14.99 2.62
N ARG A 86 18.83 -15.60 3.41
CA ARG A 86 18.56 -17.03 3.23
C ARG A 86 18.08 -17.35 1.83
N LEU A 87 17.11 -16.58 1.35
CA LEU A 87 16.59 -16.85 0.02
C LEU A 87 17.61 -16.56 -1.06
N SER A 88 18.37 -15.48 -0.89
CA SER A 88 19.36 -15.12 -1.89
C SER A 88 20.36 -16.27 -2.13
N GLY A 89 20.70 -16.97 -1.05
CA GLY A 89 21.64 -18.07 -1.16
C GLY A 89 21.08 -19.31 -1.83
N LEU A 90 19.78 -19.32 -2.13
CA LEU A 90 19.15 -20.46 -2.77
C LEU A 90 18.97 -20.20 -4.27
N VAL A 91 19.20 -18.96 -4.68
CA VAL A 91 19.05 -18.62 -6.09
C VAL A 91 20.23 -19.14 -6.93
N GLU A 92 19.93 -19.92 -7.98
CA GLU A 92 20.99 -20.43 -8.86
C GLU A 92 21.50 -19.30 -9.78
N GLU A 93 22.77 -19.31 -10.11
CA GLU A 93 23.35 -18.26 -10.95
C GLU A 93 22.67 -18.09 -12.31
N GLU A 94 22.15 -19.19 -12.86
CA GLU A 94 21.51 -19.15 -14.16
C GLU A 94 20.10 -18.55 -14.10
N THR A 95 19.66 -18.13 -12.91
CA THR A 95 18.32 -17.55 -12.75
C THR A 95 18.11 -16.31 -13.60
N ASP A 96 17.00 -16.24 -14.32
CA ASP A 96 16.73 -15.09 -15.17
C ASP A 96 15.82 -14.05 -14.53
N VAL A 97 14.98 -14.47 -13.59
CA VAL A 97 14.01 -13.54 -13.00
C VAL A 97 13.59 -14.02 -11.62
N VAL A 98 13.35 -13.08 -10.72
CA VAL A 98 12.89 -13.38 -9.36
C VAL A 98 11.42 -13.01 -9.33
N VAL A 99 10.61 -13.80 -8.63
CA VAL A 99 9.16 -13.58 -8.54
C VAL A 99 8.70 -13.59 -7.10
N GLY A 100 7.79 -12.69 -6.75
CA GLY A 100 7.20 -12.66 -5.43
C GLY A 100 5.69 -12.84 -5.60
N ILE A 101 5.11 -13.81 -4.89
CA ILE A 101 3.66 -14.06 -4.97
C ILE A 101 3.04 -14.10 -3.58
N GLY A 102 2.17 -13.14 -3.27
CA GLY A 102 1.55 -13.12 -1.96
C GLY A 102 1.27 -11.72 -1.48
N GLY A 103 1.33 -11.53 -0.16
CA GLY A 103 1.09 -10.23 0.44
C GLY A 103 2.34 -9.36 0.49
N GLY A 104 2.18 -8.15 1.04
CA GLY A 104 3.26 -7.17 1.13
C GLY A 104 4.64 -7.65 1.54
N LYS A 105 4.74 -8.44 2.60
CA LYS A 105 6.05 -8.89 3.01
C LYS A 105 6.73 -9.82 2.03
N THR A 106 5.95 -10.70 1.39
CA THR A 106 6.49 -11.58 0.39
C THR A 106 7.01 -10.75 -0.80
N LEU A 107 6.21 -9.78 -1.23
CA LEU A 107 6.59 -8.97 -2.39
C LEU A 107 7.84 -8.14 -2.10
N ASP A 108 7.90 -7.50 -0.93
CA ASP A 108 9.07 -6.69 -0.57
C ASP A 108 10.32 -7.57 -0.49
N THR A 109 10.16 -8.80 0.00
CA THR A 109 11.31 -9.70 0.07
C THR A 109 11.81 -10.02 -1.33
N ALA A 110 10.88 -10.34 -2.24
CA ALA A 110 11.28 -10.62 -3.61
C ALA A 110 12.00 -9.44 -4.23
N LYS A 111 11.49 -8.22 -4.01
CA LYS A 111 12.15 -7.04 -4.56
C LYS A 111 13.58 -6.91 -4.03
N ALA A 112 13.75 -7.16 -2.74
CA ALA A 112 15.08 -7.06 -2.11
C ALA A 112 16.03 -8.15 -2.65
N VAL A 113 15.55 -9.38 -2.76
CA VAL A 113 16.38 -10.47 -3.29
C VAL A 113 16.82 -10.13 -4.72
N ALA A 114 15.88 -9.66 -5.56
CA ALA A 114 16.22 -9.31 -6.94
C ALA A 114 17.24 -8.19 -7.00
N TYR A 115 17.09 -7.22 -6.10
CA TYR A 115 18.03 -6.10 -6.06
C TYR A 115 19.43 -6.61 -5.70
N LYS A 116 19.50 -7.41 -4.64
CA LYS A 116 20.77 -7.97 -4.16
C LYS A 116 21.48 -8.77 -5.26
N LEU A 117 20.72 -9.50 -6.06
CA LEU A 117 21.30 -10.33 -7.13
C LEU A 117 21.29 -9.72 -8.52
N LYS A 118 20.89 -8.46 -8.61
CA LYS A 118 20.84 -7.74 -9.88
C LYS A 118 20.05 -8.50 -10.93
N LYS A 119 18.82 -8.86 -10.56
CA LYS A 119 17.94 -9.56 -11.49
C LYS A 119 16.60 -8.85 -11.59
N PRO A 120 15.90 -9.03 -12.71
CA PRO A 120 14.58 -8.39 -12.86
C PRO A 120 13.63 -9.09 -11.87
N VAL A 121 12.53 -8.41 -11.53
CA VAL A 121 11.57 -8.96 -10.60
C VAL A 121 10.13 -8.82 -11.10
N VAL A 122 9.33 -9.85 -10.86
CA VAL A 122 7.91 -9.88 -11.22
C VAL A 122 7.19 -9.99 -9.90
N ILE A 123 6.26 -9.07 -9.66
CA ILE A 123 5.54 -8.95 -8.39
C ILE A 123 4.07 -9.31 -8.63
N VAL A 124 3.57 -10.28 -7.86
CA VAL A 124 2.22 -10.81 -8.04
C VAL A 124 1.45 -10.72 -6.73
N PRO A 125 0.75 -9.60 -6.48
CA PRO A 125 -0.03 -9.44 -5.25
C PRO A 125 -1.27 -10.32 -5.26
N THR A 126 -1.54 -10.97 -4.14
CA THR A 126 -2.75 -11.79 -4.06
C THR A 126 -3.86 -11.10 -3.30
N ILE A 127 -3.59 -9.88 -2.83
CA ILE A 127 -4.60 -9.04 -2.17
C ILE A 127 -4.29 -7.63 -2.64
N ALA A 128 -5.30 -6.76 -2.64
CA ALA A 128 -5.13 -5.36 -3.07
C ALA A 128 -5.33 -4.50 -1.84
N SER A 129 -4.47 -4.70 -0.86
CA SER A 129 -4.60 -4.04 0.43
C SER A 129 -3.68 -2.86 0.71
N THR A 130 -2.67 -2.65 -0.13
CA THR A 130 -1.78 -1.48 0.03
C THR A 130 -1.32 -1.11 -1.36
N ASP A 131 -0.76 0.10 -1.46
CA ASP A 131 -0.25 0.55 -2.75
C ASP A 131 1.26 0.36 -2.91
N ALA A 132 1.83 -0.53 -2.12
CA ALA A 132 3.25 -0.83 -2.25
C ALA A 132 3.74 -1.66 -3.41
N PRO A 133 2.91 -2.55 -4.01
CA PRO A 133 3.44 -3.38 -5.11
C PRO A 133 4.29 -2.75 -6.19
N CYS A 134 3.83 -1.64 -6.76
CA CYS A 134 4.56 -1.00 -7.87
C CYS A 134 5.76 -0.19 -7.48
N SER A 135 5.96 0.01 -6.18
CA SER A 135 7.02 0.90 -5.72
C SER A 135 8.42 0.36 -5.69
N ALA A 136 9.37 1.29 -5.74
CA ALA A 136 10.80 0.96 -5.68
C ALA A 136 11.22 1.07 -4.21
N LEU A 137 10.54 0.29 -3.40
CA LEU A 137 10.80 0.31 -1.97
C LEU A 137 10.51 -1.04 -1.35
N SER A 138 11.32 -1.42 -0.36
CA SER A 138 11.03 -2.65 0.39
C SER A 138 11.08 -2.25 1.87
N VAL A 139 10.09 -2.63 2.66
CA VAL A 139 10.11 -2.30 4.08
C VAL A 139 10.71 -3.53 4.80
N ILE A 140 11.81 -3.32 5.51
CA ILE A 140 12.50 -4.39 6.18
C ILE A 140 12.29 -4.35 7.68
N TYR A 141 12.09 -5.55 8.24
CA TYR A 141 11.80 -5.71 9.65
C TYR A 141 12.83 -6.59 10.33
N THR A 142 12.79 -6.55 11.67
CA THR A 142 13.64 -7.48 12.43
C THR A 142 12.92 -8.85 12.34
N PRO A 143 13.59 -9.93 12.76
CA PRO A 143 12.93 -11.24 12.69
C PRO A 143 11.65 -11.27 13.52
N ASN A 144 11.53 -10.38 14.50
CA ASN A 144 10.33 -10.33 15.37
C ASN A 144 9.20 -9.52 14.77
N GLY A 145 9.43 -8.96 13.59
CA GLY A 145 8.36 -8.17 12.98
C GLY A 145 8.33 -6.70 13.37
N GLU A 146 9.39 -6.21 13.99
CA GLU A 146 9.42 -4.78 14.33
C GLU A 146 10.09 -4.05 13.18
N PHE A 147 9.60 -2.86 12.86
CA PHE A 147 10.21 -2.09 11.77
C PHE A 147 11.70 -1.89 11.98
N LYS A 148 12.47 -2.11 10.94
CA LYS A 148 13.91 -1.94 11.02
C LYS A 148 14.38 -0.79 10.13
N ARG A 149 14.06 -0.83 8.84
CA ARG A 149 14.49 0.24 7.95
C ARG A 149 13.81 0.16 6.60
N TYR A 150 13.90 1.24 5.85
CA TYR A 150 13.38 1.26 4.47
C TYR A 150 14.55 0.96 3.56
N LEU A 151 14.29 0.15 2.55
CA LEU A 151 15.30 -0.11 1.54
C LEU A 151 14.79 0.57 0.26
N PHE A 152 15.44 1.68 -0.14
CA PHE A 152 15.05 2.36 -1.39
C PHE A 152 15.76 1.67 -2.55
N LEU A 153 14.96 1.22 -3.50
CA LEU A 153 15.49 0.47 -4.62
C LEU A 153 15.78 1.35 -5.82
N PRO A 154 16.77 0.98 -6.62
CA PRO A 154 17.12 1.76 -7.81
C PRO A 154 16.14 1.60 -8.97
N ARG A 155 15.32 0.55 -8.94
CA ARG A 155 14.38 0.33 -10.03
C ARG A 155 13.06 -0.15 -9.46
N ASN A 156 11.97 0.19 -10.13
CA ASN A 156 10.66 -0.31 -9.74
C ASN A 156 10.57 -1.73 -10.33
N PRO A 157 9.60 -2.51 -9.89
CA PRO A 157 9.46 -3.85 -10.42
C PRO A 157 9.31 -3.89 -11.94
N ASP A 158 9.88 -4.92 -12.58
CA ASP A 158 9.75 -5.02 -14.02
C ASP A 158 8.33 -5.33 -14.44
N VAL A 159 7.64 -6.12 -13.66
CA VAL A 159 6.26 -6.49 -13.94
C VAL A 159 5.50 -6.57 -12.66
N VAL A 160 4.28 -6.03 -12.66
CA VAL A 160 3.35 -6.19 -11.55
C VAL A 160 2.14 -6.86 -12.23
N LEU A 161 1.76 -8.04 -11.74
CA LEU A 161 0.70 -8.85 -12.33
C LEU A 161 -0.35 -9.09 -11.29
N VAL A 162 -1.55 -8.57 -11.54
CA VAL A 162 -2.66 -8.65 -10.58
C VAL A 162 -3.86 -9.44 -11.15
N ASP A 163 -4.12 -10.60 -10.56
CA ASP A 163 -5.25 -11.44 -10.95
C ASP A 163 -6.43 -11.03 -10.06
N THR A 164 -7.38 -10.30 -10.65
CA THR A 164 -8.50 -9.80 -9.88
C THR A 164 -9.43 -10.89 -9.33
N GLU A 165 -9.38 -12.08 -9.95
CA GLU A 165 -10.20 -13.18 -9.46
C GLU A 165 -9.61 -13.66 -8.12
N ILE A 166 -8.28 -13.70 -8.01
CA ILE A 166 -7.64 -14.08 -6.75
C ILE A 166 -7.96 -13.01 -5.71
N VAL A 167 -7.88 -11.73 -6.11
CA VAL A 167 -8.20 -10.69 -5.16
C VAL A 167 -9.64 -10.78 -4.66
N ALA A 168 -10.57 -11.06 -5.57
CA ALA A 168 -12.00 -11.14 -5.21
C ALA A 168 -12.31 -12.28 -4.24
N LYS A 169 -11.46 -13.31 -4.26
CA LYS A 169 -11.67 -14.44 -3.36
C LYS A 169 -11.13 -14.18 -1.96
N ALA A 170 -10.32 -13.13 -1.81
CA ALA A 170 -9.79 -12.78 -0.50
C ALA A 170 -10.88 -12.01 0.26
N PRO A 171 -10.80 -11.95 1.62
CA PRO A 171 -11.81 -11.25 2.41
C PRO A 171 -11.97 -9.78 2.01
N ALA A 172 -13.21 -9.30 2.03
CA ALA A 172 -13.50 -7.91 1.67
C ALA A 172 -12.72 -6.94 2.56
N ARG A 173 -12.43 -7.32 3.80
CA ARG A 173 -11.68 -6.44 4.70
C ARG A 173 -10.39 -5.95 4.05
N PHE A 174 -9.72 -6.83 3.30
CA PHE A 174 -8.45 -6.45 2.65
C PHE A 174 -8.66 -5.47 1.51
N LEU A 175 -9.73 -5.60 0.74
CA LEU A 175 -9.97 -4.62 -0.34
C LEU A 175 -10.27 -3.25 0.29
N VAL A 176 -11.09 -3.25 1.34
CA VAL A 176 -11.42 -2.01 2.02
C VAL A 176 -10.17 -1.36 2.60
N ALA A 177 -9.26 -2.15 3.19
CA ALA A 177 -8.04 -1.54 3.74
C ALA A 177 -7.24 -0.93 2.61
N GLY A 178 -7.19 -1.59 1.43
CA GLY A 178 -6.48 -1.01 0.28
C GLY A 178 -7.10 0.32 -0.11
N MET A 179 -8.43 0.42 -0.02
CA MET A 179 -9.09 1.69 -0.31
C MET A 179 -8.70 2.78 0.70
N GLY A 180 -8.42 2.38 1.95
CA GLY A 180 -7.97 3.34 2.97
C GLY A 180 -6.57 3.87 2.64
N ASP A 181 -5.65 2.98 2.25
CA ASP A 181 -4.29 3.40 1.87
C ASP A 181 -4.40 4.29 0.62
N ALA A 182 -5.28 3.93 -0.32
CA ALA A 182 -5.47 4.71 -1.53
C ALA A 182 -6.17 6.05 -1.32
N LEU A 183 -7.06 6.11 -0.33
CA LEU A 183 -7.77 7.33 -0.03
C LEU A 183 -6.81 8.47 0.31
N ALA A 184 -5.72 8.12 0.97
CA ALA A 184 -4.73 9.13 1.37
C ALA A 184 -3.99 9.72 0.20
N THR A 185 -3.91 9.00 -0.91
CA THR A 185 -3.03 9.41 -2.00
C THR A 185 -3.24 10.80 -2.53
N TRP A 186 -4.49 11.15 -2.86
CA TRP A 186 -4.72 12.49 -3.38
C TRP A 186 -4.43 13.56 -2.34
N PHE A 187 -4.87 13.36 -1.10
CA PHE A 187 -4.66 14.44 -0.10
C PHE A 187 -3.21 14.69 0.15
N GLU A 188 -2.42 13.61 0.22
CA GLU A 188 -0.99 13.79 0.48
C GLU A 188 -0.25 14.31 -0.72
N ALA A 189 -0.60 13.83 -1.91
CA ALA A 189 0.07 14.30 -3.12
C ALA A 189 -0.29 15.77 -3.35
N GLU A 190 -1.55 16.16 -3.08
CA GLU A 190 -1.95 17.56 -3.31
C GLU A 190 -1.14 18.47 -2.38
N SER A 191 -0.92 18.05 -1.14
CA SER A 191 -0.13 18.88 -0.21
C SER A 191 1.29 19.03 -0.76
N CYS A 192 1.89 17.94 -1.24
CA CYS A 192 3.24 18.02 -1.80
C CYS A 192 3.27 18.93 -3.03
N LYS A 193 2.23 18.87 -3.84
CA LYS A 193 2.15 19.72 -5.04
C LYS A 193 2.15 21.19 -4.62
N GLN A 194 1.35 21.52 -3.61
CA GLN A 194 1.23 22.90 -3.13
C GLN A 194 2.50 23.40 -2.48
N LYS A 195 3.22 22.51 -1.82
CA LYS A 195 4.47 22.84 -1.13
C LYS A 195 5.68 22.83 -2.06
N TYR A 196 5.54 22.22 -3.23
CA TYR A 196 6.68 21.98 -4.12
C TYR A 196 7.69 21.11 -3.34
N ALA A 197 7.16 20.09 -2.66
CA ALA A 197 7.95 19.12 -1.89
C ALA A 197 8.46 18.00 -2.76
N PRO A 198 9.61 17.43 -2.44
CA PRO A 198 10.12 16.33 -3.27
C PRO A 198 9.34 15.03 -3.04
N ASN A 199 9.36 14.17 -4.04
CA ASN A 199 8.71 12.88 -3.91
C ASN A 199 9.77 11.85 -3.52
N MET A 200 9.47 10.55 -3.64
CA MET A 200 10.43 9.53 -3.24
C MET A 200 11.74 9.51 -4.04
N THR A 201 11.81 10.29 -5.13
CA THR A 201 13.05 10.34 -5.94
C THR A 201 13.93 11.50 -5.58
N GLY A 202 13.39 12.42 -4.79
CA GLY A 202 14.14 13.60 -4.45
C GLY A 202 13.87 14.80 -5.35
N ARG A 203 13.16 14.60 -6.47
CA ARG A 203 12.84 15.71 -7.38
C ARG A 203 11.36 15.96 -7.20
N LEU A 204 10.78 16.90 -7.95
CA LEU A 204 9.37 17.22 -7.81
C LEU A 204 8.47 16.26 -8.58
N GLY A 205 7.21 16.17 -8.15
CA GLY A 205 6.25 15.36 -8.87
C GLY A 205 5.85 16.08 -10.16
N SER A 206 5.40 15.29 -11.12
CA SER A 206 4.96 15.78 -12.43
C SER A 206 3.46 16.02 -12.42
N MET A 207 3.00 16.75 -13.44
CA MET A 207 1.56 16.96 -13.57
C MET A 207 0.90 15.57 -13.66
N THR A 208 1.53 14.62 -14.33
CA THR A 208 0.99 13.27 -14.46
C THR A 208 0.81 12.57 -13.11
N ALA A 209 1.82 12.65 -12.26
CA ALA A 209 1.72 12.02 -10.96
C ALA A 209 0.57 12.61 -10.15
N TYR A 210 0.43 13.94 -10.16
CA TYR A 210 -0.64 14.54 -9.37
C TYR A 210 -2.01 14.25 -9.96
N ALA A 211 -2.09 14.14 -11.27
CA ALA A 211 -3.36 13.82 -11.91
C ALA A 211 -3.77 12.37 -11.63
N LEU A 212 -2.80 11.46 -11.59
CA LEU A 212 -3.12 10.06 -11.27
C LEU A 212 -3.57 9.94 -9.81
N ALA A 213 -3.00 10.76 -8.93
CA ALA A 213 -3.42 10.71 -7.52
C ALA A 213 -4.89 11.19 -7.42
N ARG A 214 -5.24 12.23 -8.17
CA ARG A 214 -6.62 12.71 -8.15
C ARG A 214 -7.55 11.65 -8.75
N LEU A 215 -7.12 10.99 -9.84
CA LEU A 215 -7.97 9.96 -10.46
C LEU A 215 -8.20 8.83 -9.48
N CYS A 216 -7.16 8.51 -8.70
CA CYS A 216 -7.31 7.46 -7.68
C CYS A 216 -8.50 7.79 -6.77
N TYR A 217 -8.49 8.99 -6.21
CA TYR A 217 -9.55 9.43 -5.32
C TYR A 217 -10.93 9.39 -5.99
N GLU A 218 -11.05 9.96 -7.19
CA GLU A 218 -12.33 9.96 -7.90
C GLU A 218 -12.83 8.53 -8.14
N THR A 219 -11.91 7.61 -8.41
CA THR A 219 -12.32 6.23 -8.69
C THR A 219 -12.85 5.57 -7.43
N LEU A 220 -12.20 5.81 -6.30
CA LEU A 220 -12.67 5.29 -5.03
C LEU A 220 -14.08 5.75 -4.72
N LEU A 221 -14.33 7.05 -4.87
CA LEU A 221 -15.66 7.59 -4.54
C LEU A 221 -16.72 7.00 -5.41
N GLU A 222 -16.43 6.81 -6.67
CA GLU A 222 -17.43 6.30 -7.57
C GLU A 222 -17.67 4.80 -7.59
N TYR A 223 -16.61 4.04 -7.40
CA TYR A 223 -16.76 2.60 -7.55
C TYR A 223 -16.49 1.80 -6.30
N GLY A 224 -16.02 2.42 -5.24
CA GLY A 224 -15.69 1.67 -4.02
C GLY A 224 -16.76 0.76 -3.47
N VAL A 225 -17.97 1.30 -3.29
CA VAL A 225 -19.06 0.47 -2.79
C VAL A 225 -19.41 -0.64 -3.76
N LEU A 226 -19.41 -0.34 -5.06
CA LEU A 226 -19.76 -1.38 -6.04
C LEU A 226 -18.73 -2.51 -6.01
N ALA A 227 -17.46 -2.14 -5.86
CA ALA A 227 -16.39 -3.14 -5.78
C ALA A 227 -16.52 -3.96 -4.49
N LYS A 228 -16.88 -3.32 -3.38
CA LYS A 228 -17.04 -4.07 -2.14
C LYS A 228 -18.17 -5.09 -2.28
N ARG A 229 -19.29 -4.69 -2.91
CA ARG A 229 -20.38 -5.66 -3.08
C ARG A 229 -19.93 -6.84 -3.92
N SER A 230 -19.09 -6.57 -4.91
CA SER A 230 -18.57 -7.62 -5.78
C SER A 230 -17.69 -8.58 -4.97
N VAL A 231 -16.78 -8.07 -4.15
CA VAL A 231 -15.89 -8.95 -3.42
C VAL A 231 -16.67 -9.72 -2.35
N GLU A 232 -17.74 -9.13 -1.81
CA GLU A 232 -18.55 -9.86 -0.84
C GLU A 232 -19.12 -11.12 -1.45
N GLU A 233 -19.25 -11.16 -2.77
CA GLU A 233 -19.75 -12.35 -3.47
C GLU A 233 -18.61 -13.07 -4.22
N LYS A 234 -17.36 -12.77 -3.84
CA LYS A 234 -16.15 -13.37 -4.48
C LYS A 234 -16.22 -13.29 -5.99
N SER A 235 -16.70 -12.14 -6.46
CA SER A 235 -16.95 -11.94 -7.88
C SER A 235 -16.20 -10.76 -8.47
N VAL A 236 -15.85 -10.89 -9.74
CA VAL A 236 -15.15 -9.81 -10.43
C VAL A 236 -16.08 -9.07 -11.38
N THR A 237 -16.12 -7.75 -11.23
CA THR A 237 -16.90 -6.90 -12.10
C THR A 237 -15.98 -5.77 -12.53
N PRO A 238 -16.37 -5.03 -13.58
CA PRO A 238 -15.54 -3.91 -14.02
C PRO A 238 -15.35 -2.93 -12.86
N ALA A 239 -16.35 -2.71 -12.00
CA ALA A 239 -16.16 -1.81 -10.85
C ALA A 239 -14.99 -2.32 -9.98
N LEU A 240 -14.93 -3.63 -9.71
CA LEU A 240 -13.81 -4.17 -8.94
C LEU A 240 -12.52 -3.96 -9.68
N GLU A 241 -12.51 -4.15 -10.99
CA GLU A 241 -11.26 -3.96 -11.75
C GLU A 241 -10.77 -2.51 -11.55
N LYS A 242 -11.67 -1.54 -11.63
CA LYS A 242 -11.27 -0.15 -11.46
C LYS A 242 -10.71 0.11 -10.07
N ILE A 243 -11.34 -0.44 -9.04
CA ILE A 243 -10.82 -0.22 -7.69
C ILE A 243 -9.48 -0.94 -7.48
N VAL A 244 -9.32 -2.15 -8.02
CA VAL A 244 -8.02 -2.81 -7.85
C VAL A 244 -6.93 -1.99 -8.57
N GLU A 245 -7.25 -1.44 -9.75
CA GLU A 245 -6.26 -0.62 -10.46
C GLU A 245 -5.98 0.65 -9.65
N ALA A 246 -7.01 1.22 -9.04
CA ALA A 246 -6.80 2.42 -8.23
C ALA A 246 -5.98 2.11 -6.98
N ASN A 247 -6.27 1.00 -6.29
CA ASN A 247 -5.54 0.65 -5.07
C ASN A 247 -4.09 0.25 -5.35
N THR A 248 -3.80 -0.14 -6.57
CA THR A 248 -2.47 -0.66 -6.90
C THR A 248 -1.66 0.27 -7.82
N LEU A 249 -2.07 0.44 -9.05
CA LEU A 249 -1.33 1.29 -9.98
C LEU A 249 -1.51 2.78 -9.70
N LEU A 250 -2.75 3.25 -9.64
CA LEU A 250 -2.88 4.72 -9.44
C LEU A 250 -2.35 5.18 -8.12
N SER A 251 -2.68 4.49 -7.05
CA SER A 251 -2.21 4.89 -5.73
C SER A 251 -0.71 4.72 -5.61
N GLY A 252 -0.15 3.68 -6.23
CA GLY A 252 1.29 3.49 -6.18
C GLY A 252 2.05 4.65 -6.82
N LEU A 253 1.65 5.01 -8.03
CA LEU A 253 2.30 6.10 -8.73
C LEU A 253 2.05 7.41 -8.02
N GLY A 254 0.83 7.62 -7.55
CA GLY A 254 0.52 8.84 -6.86
C GLY A 254 1.30 9.05 -5.57
N PHE A 255 1.45 8.03 -4.75
CA PHE A 255 2.18 8.28 -3.52
C PHE A 255 3.69 8.38 -3.76
N GLU A 256 4.22 7.50 -4.63
CA GLU A 256 5.68 7.51 -4.85
C GLU A 256 6.21 8.70 -5.63
N SER A 257 5.48 9.08 -6.68
CA SER A 257 5.91 10.19 -7.54
C SER A 257 5.18 11.48 -7.23
N GLY A 258 4.09 11.41 -6.45
CA GLY A 258 3.39 12.63 -6.03
C GLY A 258 3.93 13.08 -4.68
N GLY A 259 3.93 12.15 -3.73
CA GLY A 259 4.47 12.42 -2.40
C GLY A 259 3.59 12.09 -1.22
N LEU A 260 4.21 11.91 -0.06
CA LEU A 260 3.51 11.64 1.20
C LEU A 260 3.50 12.90 2.07
N ALA A 261 2.53 12.98 3.00
CA ALA A 261 2.46 14.15 3.85
C ALA A 261 1.82 13.81 5.19
N ALA A 262 0.73 14.45 5.61
CA ALA A 262 0.22 14.19 6.96
C ALA A 262 -0.33 12.81 7.24
N ALA A 263 -1.16 12.28 6.35
CA ALA A 263 -1.83 11.02 6.68
C ALA A 263 -0.92 9.90 7.04
N HIS A 264 0.13 9.68 6.25
CA HIS A 264 1.00 8.56 6.60
C HIS A 264 1.84 8.84 7.86
N ALA A 265 2.14 10.10 8.12
CA ALA A 265 2.89 10.40 9.35
C ALA A 265 2.01 10.11 10.55
N ILE A 266 0.70 10.41 10.43
CA ILE A 266 -0.22 10.13 11.53
C ILE A 266 -0.37 8.61 11.68
N HIS A 267 -0.48 7.87 10.58
CA HIS A 267 -0.51 6.41 10.67
C HIS A 267 0.71 5.95 11.46
N ASN A 268 1.90 6.48 11.12
CA ASN A 268 3.12 6.06 11.82
C ASN A 268 3.03 6.38 13.29
N GLY A 269 2.48 7.54 13.65
CA GLY A 269 2.34 7.83 15.07
C GLY A 269 1.41 6.86 15.79
N LEU A 270 0.35 6.41 15.10
CA LEU A 270 -0.62 5.50 15.72
C LEU A 270 0.02 4.16 16.10
N THR A 271 1.10 3.79 15.43
CA THR A 271 1.75 2.52 15.75
C THR A 271 2.40 2.50 17.14
N VAL A 272 2.54 3.66 17.80
CA VAL A 272 3.12 3.64 19.14
C VAL A 272 2.13 3.10 20.18
N LEU A 273 0.86 2.98 19.82
CA LEU A 273 -0.15 2.47 20.75
C LEU A 273 -0.46 1.03 20.34
N GLU A 274 -0.07 0.07 21.17
CA GLU A 274 -0.26 -1.34 20.82
C GLU A 274 -1.68 -1.80 20.47
N ASN A 275 -2.71 -1.13 20.99
CA ASN A 275 -4.08 -1.54 20.68
C ASN A 275 -4.37 -1.42 19.18
N THR A 276 -3.54 -0.65 18.46
CA THR A 276 -3.81 -0.50 17.03
C THR A 276 -3.15 -1.54 16.16
N HIS A 277 -2.29 -2.36 16.75
CA HIS A 277 -1.58 -3.33 15.95
C HIS A 277 -2.42 -4.35 15.24
N LYS A 278 -3.61 -4.67 15.75
CA LYS A 278 -4.44 -5.66 15.09
C LYS A 278 -5.18 -5.09 13.88
N TYR A 279 -4.99 -3.79 13.63
CA TYR A 279 -5.64 -3.19 12.46
C TYR A 279 -4.67 -3.09 11.28
N LEU A 280 -5.23 -3.21 10.08
CA LEU A 280 -4.41 -3.15 8.87
C LEU A 280 -3.93 -1.75 8.56
N HIS A 281 -2.81 -1.70 7.85
CA HIS A 281 -2.21 -0.43 7.43
C HIS A 281 -3.25 0.56 6.91
N GLY A 282 -4.02 0.15 5.91
CA GLY A 282 -4.99 1.06 5.31
C GLY A 282 -6.09 1.52 6.22
N GLU A 283 -6.46 0.70 7.21
CA GLU A 283 -7.48 1.10 8.17
C GLU A 283 -6.97 2.26 9.04
N LYS A 284 -5.72 2.18 9.46
CA LYS A 284 -5.12 3.26 10.27
C LYS A 284 -4.80 4.47 9.39
N VAL A 285 -4.42 4.23 8.12
CA VAL A 285 -4.18 5.40 7.24
C VAL A 285 -5.50 6.18 7.12
N ALA A 286 -6.64 5.50 7.03
CA ALA A 286 -7.91 6.24 6.92
C ALA A 286 -8.07 7.22 8.10
N ILE A 287 -7.76 6.81 9.32
CA ILE A 287 -7.87 7.71 10.46
C ILE A 287 -6.91 8.90 10.26
N GLY A 288 -5.70 8.62 9.76
CA GLY A 288 -4.76 9.69 9.47
C GLY A 288 -5.32 10.67 8.44
N VAL A 289 -6.01 10.13 7.43
CA VAL A 289 -6.60 11.03 6.43
C VAL A 289 -7.65 11.94 7.07
N LEU A 290 -8.56 11.35 7.85
CA LEU A 290 -9.65 12.15 8.45
C LEU A 290 -9.08 13.24 9.37
N ALA A 291 -8.10 12.88 10.21
CA ALA A 291 -7.48 13.86 11.08
C ALA A 291 -6.80 14.94 10.23
N SER A 292 -6.16 14.54 9.15
CA SER A 292 -5.48 15.51 8.29
C SER A 292 -6.47 16.50 7.64
N LEU A 293 -7.73 16.09 7.40
CA LEU A 293 -8.70 17.03 6.80
C LEU A 293 -8.95 18.17 7.77
N PHE A 294 -9.05 17.88 9.07
CA PHE A 294 -9.21 18.96 10.04
C PHE A 294 -7.93 19.74 10.18
N LEU A 295 -6.80 19.04 10.27
CA LEU A 295 -5.51 19.69 10.44
C LEU A 295 -5.20 20.72 9.37
N THR A 296 -5.51 20.37 8.13
CA THR A 296 -5.14 21.20 6.99
C THR A 296 -6.24 22.08 6.43
N ASP A 297 -7.29 22.26 7.22
CA ASP A 297 -8.36 23.20 6.86
C ASP A 297 -9.14 22.92 5.60
N LYS A 298 -9.58 21.69 5.45
CA LYS A 298 -10.43 21.38 4.32
C LYS A 298 -11.82 21.99 4.54
N PRO A 299 -12.48 22.33 3.43
CA PRO A 299 -13.82 22.90 3.56
C PRO A 299 -14.84 21.85 4.01
N ARG A 300 -15.96 22.32 4.54
CA ARG A 300 -17.01 21.43 5.04
C ARG A 300 -17.46 20.38 4.06
N LYS A 301 -17.69 20.75 2.82
CA LYS A 301 -18.19 19.76 1.86
C LYS A 301 -17.17 18.65 1.58
N MET A 302 -15.89 18.95 1.66
CA MET A 302 -14.88 17.92 1.45
C MET A 302 -14.82 16.99 2.66
N ILE A 303 -14.86 17.56 3.86
CA ILE A 303 -14.88 16.70 5.04
C ILE A 303 -16.10 15.76 4.98
N GLU A 304 -17.27 16.31 4.65
CA GLU A 304 -18.49 15.48 4.54
C GLU A 304 -18.33 14.39 3.46
N GLU A 305 -17.71 14.72 2.32
CA GLU A 305 -17.53 13.76 1.24
C GLU A 305 -16.66 12.58 1.67
N VAL A 306 -15.57 12.87 2.37
CA VAL A 306 -14.65 11.80 2.75
C VAL A 306 -15.26 10.95 3.86
N TYR A 307 -15.89 11.56 4.86
CA TYR A 307 -16.51 10.75 5.91
C TYR A 307 -17.62 9.90 5.32
N SER A 308 -18.37 10.44 4.34
CA SER A 308 -19.45 9.66 3.74
C SER A 308 -18.86 8.47 2.98
N PHE A 309 -17.74 8.66 2.30
CA PHE A 309 -17.12 7.55 1.62
C PHE A 309 -16.68 6.48 2.62
N CYS A 310 -16.02 6.89 3.69
CA CYS A 310 -15.54 5.91 4.67
C CYS A 310 -16.72 5.14 5.25
N GLU A 311 -17.81 5.83 5.53
CA GLU A 311 -18.99 5.19 6.10
C GLU A 311 -19.59 4.18 5.14
N GLU A 312 -19.60 4.48 3.84
CA GLU A 312 -20.24 3.51 2.94
C GLU A 312 -19.42 2.30 2.64
N VAL A 313 -18.09 2.41 2.67
CA VAL A 313 -17.28 1.24 2.41
C VAL A 313 -16.82 0.53 3.65
N GLY A 314 -17.05 1.11 4.82
CA GLY A 314 -16.65 0.46 6.05
C GLY A 314 -15.25 0.74 6.56
N LEU A 315 -14.70 1.91 6.21
CA LEU A 315 -13.41 2.33 6.78
C LEU A 315 -13.69 3.00 8.14
N PRO A 316 -12.75 2.91 9.08
CA PRO A 316 -12.98 3.55 10.38
C PRO A 316 -13.10 5.06 10.27
N THR A 317 -13.95 5.64 11.12
CA THR A 317 -14.08 7.10 11.16
C THR A 317 -13.93 7.60 12.58
N THR A 318 -13.64 6.69 13.51
CA THR A 318 -13.49 7.05 14.93
C THR A 318 -12.31 6.31 15.51
N LEU A 319 -11.76 6.84 16.60
CA LEU A 319 -10.63 6.19 17.27
C LEU A 319 -11.01 4.80 17.82
N ALA A 320 -12.26 4.67 18.26
CA ALA A 320 -12.71 3.38 18.78
C ALA A 320 -12.61 2.29 17.72
N GLU A 321 -12.81 2.66 16.46
CA GLU A 321 -12.78 1.67 15.38
C GLU A 321 -11.38 1.19 15.01
N ILE A 322 -10.35 1.75 15.67
CA ILE A 322 -8.99 1.23 15.48
C ILE A 322 -8.39 0.85 16.83
N GLY A 323 -9.31 0.52 17.75
CA GLY A 323 -8.95 0.01 19.07
C GLY A 323 -8.59 1.01 20.13
N LEU A 324 -9.01 2.25 19.91
CA LEU A 324 -8.66 3.31 20.83
C LEU A 324 -9.86 3.97 21.50
N ASP A 325 -10.87 3.17 21.82
CA ASP A 325 -12.06 3.66 22.51
C ASP A 325 -11.61 4.17 23.87
N GLY A 326 -11.93 5.43 24.17
CA GLY A 326 -11.55 6.02 25.45
C GLY A 326 -10.08 6.32 25.64
N VAL A 327 -9.33 6.35 24.55
CA VAL A 327 -7.91 6.62 24.64
C VAL A 327 -7.60 7.95 25.40
N SER A 328 -6.56 7.91 26.23
CA SER A 328 -6.18 9.07 27.03
C SER A 328 -5.48 10.18 26.24
N ASP A 329 -5.53 11.40 26.75
CA ASP A 329 -4.85 12.49 26.08
C ASP A 329 -3.36 12.21 26.07
N GLU A 330 -2.88 11.57 27.13
CA GLU A 330 -1.47 11.25 27.21
C GLU A 330 -1.08 10.31 26.07
N ASP A 331 -1.91 9.30 25.79
CA ASP A 331 -1.61 8.36 24.70
C ASP A 331 -1.70 9.05 23.33
N LEU A 332 -2.70 9.91 23.18
CA LEU A 332 -2.83 10.65 21.93
C LEU A 332 -1.69 11.60 21.70
N MET A 333 -1.14 12.16 22.79
CA MET A 333 -0.01 13.06 22.57
C MET A 333 1.24 12.27 22.13
N LYS A 334 1.39 11.03 22.57
CA LYS A 334 2.51 10.20 22.11
C LYS A 334 2.39 9.97 20.60
N VAL A 335 1.16 9.74 20.15
CA VAL A 335 0.90 9.53 18.72
C VAL A 335 1.29 10.80 17.95
N ALA A 336 0.87 11.95 18.45
CA ALA A 336 1.14 13.23 17.79
C ALA A 336 2.63 13.55 17.74
N GLU A 337 3.32 13.27 18.86
CA GLU A 337 4.75 13.55 18.88
C GLU A 337 5.50 12.67 17.87
N LYS A 338 5.12 11.39 17.80
CA LYS A 338 5.75 10.46 16.86
C LYS A 338 5.47 10.91 15.40
N ALA A 339 4.24 11.31 15.15
CA ALA A 339 3.86 11.79 13.81
C ALA A 339 4.65 13.01 13.37
N CYS A 340 5.06 13.83 14.33
CA CYS A 340 5.78 15.07 14.03
C CYS A 340 7.29 15.04 14.16
N ASP A 341 7.84 13.83 14.24
CA ASP A 341 9.29 13.64 14.23
C ASP A 341 9.86 14.51 13.09
N LYS A 342 11.02 15.13 13.31
CA LYS A 342 11.62 16.00 12.31
C LYS A 342 11.79 15.38 10.94
N ASN A 343 11.96 14.06 10.90
CA ASN A 343 12.13 13.38 9.63
C ASN A 343 10.82 12.83 9.02
N GLU A 344 9.68 13.09 9.67
CA GLU A 344 8.41 12.58 9.15
C GLU A 344 7.90 13.36 7.96
N THR A 345 7.03 12.72 7.20
CA THR A 345 6.48 13.32 5.99
C THR A 345 5.48 14.43 6.25
N ILE A 346 5.04 14.58 7.49
CA ILE A 346 4.05 15.61 7.80
C ILE A 346 4.63 17.00 7.52
N HIS A 347 5.95 17.12 7.53
CA HIS A 347 6.54 18.42 7.26
C HIS A 347 6.48 18.81 5.79
N ASN A 348 5.99 17.89 4.94
CA ASN A 348 5.73 18.21 3.52
C ASN A 348 4.43 19.03 3.39
N GLU A 349 3.65 19.15 4.46
CA GLU A 349 2.45 19.99 4.39
C GLU A 349 2.88 21.45 4.19
N PRO A 350 2.09 22.24 3.44
CA PRO A 350 2.46 23.66 3.29
C PRO A 350 2.50 24.35 4.67
N GLN A 351 1.54 24.06 5.54
CA GLN A 351 1.53 24.72 6.83
C GLN A 351 2.56 24.12 7.78
N PRO A 352 3.10 24.94 8.70
CA PRO A 352 4.07 24.40 9.66
C PRO A 352 3.21 23.54 10.62
N VAL A 353 3.70 22.37 11.02
CA VAL A 353 2.89 21.51 11.88
C VAL A 353 3.62 21.16 13.15
N THR A 354 2.93 21.27 14.28
CA THR A 354 3.49 20.89 15.58
C THR A 354 2.66 19.73 16.14
N SER A 355 3.22 19.03 17.12
CA SER A 355 2.50 17.91 17.70
C SER A 355 1.14 18.27 18.28
N LYS A 356 1.04 19.43 18.93
CA LYS A 356 -0.24 19.84 19.50
C LYS A 356 -1.33 19.97 18.40
N ASP A 357 -0.94 20.47 17.24
CA ASP A 357 -1.88 20.60 16.11
C ASP A 357 -2.45 19.25 15.73
N VAL A 358 -1.59 18.23 15.68
CA VAL A 358 -2.02 16.87 15.31
C VAL A 358 -2.88 16.27 16.40
N PHE A 359 -2.48 16.47 17.66
CA PHE A 359 -3.26 15.98 18.79
C PHE A 359 -4.70 16.53 18.71
N PHE A 360 -4.80 17.85 18.51
CA PHE A 360 -6.10 18.51 18.40
C PHE A 360 -6.92 17.99 17.20
N ALA A 361 -6.24 17.78 16.06
CA ALA A 361 -6.96 17.30 14.88
C ALA A 361 -7.51 15.89 15.06
N LEU A 362 -6.72 15.03 15.71
CA LEU A 362 -7.21 13.67 16.00
C LEU A 362 -8.47 13.70 16.87
N LYS A 363 -8.45 14.51 17.91
CA LYS A 363 -9.62 14.59 18.78
C LYS A 363 -10.83 15.17 18.10
N ALA A 364 -10.62 16.21 17.29
CA ALA A 364 -11.77 16.82 16.60
C ALA A 364 -12.35 15.87 15.58
N ALA A 365 -11.48 15.20 14.83
CA ALA A 365 -11.93 14.26 13.79
C ALA A 365 -12.71 13.10 14.41
N ASP A 366 -12.25 12.64 15.57
CA ASP A 366 -12.93 11.57 16.27
C ASP A 366 -14.33 12.01 16.73
N ARG A 367 -14.43 13.19 17.32
CA ARG A 367 -15.71 13.71 17.79
C ARG A 367 -16.68 13.87 16.63
N TYR A 368 -16.19 14.43 15.51
CA TYR A 368 -17.04 14.58 14.35
C TYR A 368 -17.54 13.23 13.85
N GLY A 369 -16.65 12.22 13.79
CA GLY A 369 -17.05 10.91 13.30
C GLY A 369 -18.05 10.24 14.25
N ARG A 370 -17.82 10.40 15.57
CA ARG A 370 -18.75 9.84 16.55
C ARG A 370 -20.13 10.47 16.44
N MET A 371 -20.21 11.79 16.28
CA MET A 371 -21.51 12.44 16.21
C MET A 371 -22.26 12.04 14.93
N ARG A 372 -21.53 11.79 13.84
CA ARG A 372 -22.21 11.37 12.62
C ARG A 372 -22.83 10.00 12.81
N LYS A 373 -22.21 9.20 13.65
CA LYS A 373 -22.70 7.86 13.94
C LYS A 373 -23.60 7.77 15.17
N ASN A 374 -24.04 8.92 15.66
CA ASN A 374 -24.93 8.99 16.82
C ASN A 374 -24.38 8.29 18.04
N LEU A 375 -23.10 8.47 18.30
CA LEU A 375 -22.44 7.86 19.45
C LEU A 375 -22.12 8.92 20.51
ZN ZN B . 0.53 3.38 2.80
CL CL C . -1.24 5.99 -0.31
C TRS D . 3.12 3.07 1.67
C1 TRS D . 2.50 1.69 1.16
C2 TRS D . 2.52 4.16 0.71
C3 TRS D . 4.64 3.09 1.48
N TRS D . 2.72 3.23 3.04
O1 TRS D . 1.24 1.57 1.91
O2 TRS D . 1.06 4.21 0.94
O3 TRS D . 5.33 2.07 2.29
#